data_4HFZ
#
_entry.id   4HFZ
#
_cell.length_a   52.944
_cell.length_b   52.944
_cell.length_c   196.201
_cell.angle_alpha   90.00
_cell.angle_beta   90.00
_cell.angle_gamma   90.00
#
_symmetry.space_group_name_H-M   'P 43 21 2'
#
loop_
_entity.id
_entity.type
_entity.pdbx_description
1 polymer 'E3 ubiquitin-protein ligase Mdm2'
2 polymer 'Cellular tumor antigen p53'
3 non-polymer 'SULFATE ION'
4 water water
#
loop_
_entity_poly.entity_id
_entity_poly.type
_entity_poly.pdbx_seq_one_letter_code
_entity_poly.pdbx_strand_id
1 'polypeptide(L)'
;SQIPASEQETLVRPKPLLLKLLKSVGAQKDTYTMKEVLFYLGQYIMTKRLYDAAQQHIVYCSNDLLGDLFGVPSFSVKEH
RKIYTMIYRNLVVVNQQESSDSGTSVSEN
;
A,C
2 'polypeptide(L)' SQETFSDLWKLLPEN B,D
#
# COMPACT_ATOMS: atom_id res chain seq x y z
N THR A 10 -16.38 24.25 5.63
CA THR A 10 -16.46 23.43 6.83
C THR A 10 -15.20 22.59 7.03
N LEU A 11 -14.73 22.53 8.26
CA LEU A 11 -13.53 21.76 8.59
C LEU A 11 -13.85 20.28 8.55
N VAL A 12 -12.81 19.46 8.44
CA VAL A 12 -12.97 18.01 8.42
C VAL A 12 -12.12 17.40 9.50
N ARG A 13 -12.48 16.21 9.93
CA ARG A 13 -11.71 15.52 10.96
C ARG A 13 -11.10 14.23 10.45
N PRO A 14 -9.78 14.16 10.46
CA PRO A 14 -9.07 12.98 10.00
C PRO A 14 -9.14 11.82 10.98
N LYS A 15 -9.23 10.62 10.43
CA LYS A 15 -9.23 9.36 11.19
C LYS A 15 -7.83 9.17 11.74
N PRO A 16 -7.63 8.28 12.74
CA PRO A 16 -6.29 8.31 13.42
C PRO A 16 -5.02 8.14 12.56
N LEU A 17 -5.07 7.29 11.53
CA LEU A 17 -3.89 7.05 10.71
C LEU A 17 -3.56 8.26 9.78
N LEU A 18 -4.58 8.86 9.15
CA LEU A 18 -4.38 10.07 8.36
C LEU A 18 -3.76 11.18 9.24
N LEU A 19 -4.24 11.25 10.47
CA LEU A 19 -3.83 12.27 11.40
C LEU A 19 -2.35 12.05 11.72
N LYS A 20 -1.92 10.77 11.82
CA LYS A 20 -0.53 10.44 12.13
C LYS A 20 0.36 10.96 11.00
N LEU A 21 -0.04 10.73 9.75
CA LEU A 21 0.67 11.12 8.55
C LEU A 21 0.79 12.66 8.47
N LEU A 22 -0.32 13.40 8.65
CA LEU A 22 -0.32 14.88 8.65
C LEU A 22 0.55 15.43 9.75
N LYS A 23 0.53 14.78 10.94
CA LYS A 23 1.39 15.22 12.07
C LYS A 23 2.87 15.05 11.80
N SER A 24 3.24 14.01 11.05
CA SER A 24 4.64 13.73 10.71
C SER A 24 5.31 14.81 9.84
N VAL A 25 4.49 15.67 9.22
CA VAL A 25 4.95 16.80 8.36
C VAL A 25 4.56 18.15 8.95
N GLY A 26 4.31 18.18 10.26
CA GLY A 26 4.12 19.43 10.98
C GLY A 26 2.71 19.88 11.38
N ALA A 27 1.67 19.20 10.90
CA ALA A 27 0.32 19.63 11.23
C ALA A 27 0.09 19.56 12.73
N GLN A 28 -0.65 20.51 13.29
CA GLN A 28 -0.83 20.54 14.76
C GLN A 28 -2.28 20.41 15.22
N LYS A 29 -3.20 20.59 14.30
CA LYS A 29 -4.62 20.58 14.59
C LYS A 29 -5.17 19.14 14.65
N ASP A 30 -6.49 19.04 14.83
CA ASP A 30 -7.26 17.80 14.73
C ASP A 30 -8.31 17.96 13.62
N THR A 31 -8.56 19.21 13.21
CA THR A 31 -9.50 19.51 12.16
C THR A 31 -8.84 20.38 11.09
N TYR A 32 -9.24 20.18 9.84
CA TYR A 32 -8.60 20.85 8.72
C TYR A 32 -9.60 21.19 7.59
N THR A 33 -9.18 22.07 6.68
CA THR A 33 -9.92 22.28 5.46
C THR A 33 -9.34 21.23 4.47
N MET A 34 -10.05 20.92 3.38
CA MET A 34 -9.50 20.05 2.36
C MET A 34 -8.19 20.56 1.79
N LYS A 35 -8.11 21.90 1.60
CA LYS A 35 -6.89 22.56 1.15
C LYS A 35 -5.71 22.19 2.07
N GLU A 36 -5.88 22.26 3.40
CA GLU A 36 -4.80 21.90 4.33
C GLU A 36 -4.41 20.41 4.29
N VAL A 37 -5.40 19.51 4.20
CA VAL A 37 -5.11 18.05 4.09
C VAL A 37 -4.28 17.77 2.81
N LEU A 38 -4.68 18.38 1.70
CA LEU A 38 -4.01 18.14 0.43
C LEU A 38 -2.57 18.64 0.48
N PHE A 39 -2.40 19.85 1.03
CA PHE A 39 -1.10 20.45 1.25
C PHE A 39 -0.20 19.48 2.01
N TYR A 40 -0.66 19.04 3.18
CA TYR A 40 0.16 18.21 4.02
C TYR A 40 0.48 16.87 3.39
N LEU A 41 -0.54 16.33 2.71
CA LEU A 41 -0.36 15.07 2.00
C LEU A 41 0.67 15.24 0.85
N GLY A 42 0.68 16.40 0.21
CA GLY A 42 1.64 16.74 -0.78
C GLY A 42 3.04 16.84 -0.22
N GLN A 43 3.16 17.46 0.96
CA GLN A 43 4.47 17.58 1.67
C GLN A 43 5.04 16.25 2.04
N TYR A 44 4.15 15.34 2.46
CA TYR A 44 4.50 14.00 2.85
C TYR A 44 5.10 13.18 1.69
N ILE A 45 4.40 13.17 0.56
CA ILE A 45 4.86 12.47 -0.65
C ILE A 45 6.23 13.03 -1.10
N MET A 46 6.43 14.37 -1.05
CA MET A 46 7.72 14.99 -1.48
C MET A 46 8.84 14.58 -0.50
N THR A 47 8.66 14.87 0.79
CA THR A 47 9.59 14.47 1.84
C THR A 47 10.07 13.00 1.76
N LYS A 48 9.14 12.05 1.70
CA LYS A 48 9.47 10.62 1.65
C LYS A 48 9.88 10.11 0.24
N ARG A 49 9.78 10.98 -0.76
CA ARG A 49 10.15 10.71 -2.18
C ARG A 49 9.33 9.56 -2.76
N LEU A 50 8.02 9.59 -2.54
CA LEU A 50 7.16 8.49 -2.99
C LEU A 50 6.84 8.54 -4.48
N TYR A 51 7.11 9.65 -5.15
CA TYR A 51 6.87 9.73 -6.58
C TYR A 51 8.05 9.08 -7.31
N ASP A 52 7.79 8.53 -8.49
CA ASP A 52 8.83 8.03 -9.35
C ASP A 52 9.57 9.26 -9.92
N ALA A 53 10.89 9.36 -9.71
CA ALA A 53 11.63 10.54 -10.16
C ALA A 53 11.69 10.63 -11.71
N ALA A 54 11.61 9.46 -12.37
CA ALA A 54 11.51 9.37 -13.83
C ALA A 54 10.09 9.59 -14.38
N GLN A 55 9.07 9.23 -13.60
CA GLN A 55 7.68 9.37 -13.98
C GLN A 55 6.91 10.01 -12.83
N GLN A 56 6.99 11.32 -12.73
CA GLN A 56 6.55 12.07 -11.55
C GLN A 56 5.05 12.00 -11.22
N HIS A 57 4.19 11.82 -12.20
CA HIS A 57 2.75 11.74 -11.91
C HIS A 57 2.36 10.47 -11.15
N ILE A 58 3.26 9.49 -11.05
CA ILE A 58 2.94 8.24 -10.33
C ILE A 58 3.53 8.23 -8.89
N VAL A 59 2.68 7.94 -7.91
CA VAL A 59 3.13 7.83 -6.54
C VAL A 59 3.12 6.33 -6.17
N TYR A 60 4.26 5.84 -5.71
CA TYR A 60 4.45 4.43 -5.30
C TYR A 60 4.49 4.41 -3.80
N CYS A 61 3.38 3.95 -3.20
CA CYS A 61 3.23 3.91 -1.75
C CYS A 61 3.09 2.46 -1.17
N SER A 62 3.33 1.45 -1.99
CA SER A 62 3.16 0.05 -1.62
C SER A 62 3.94 -0.36 -0.36
N ASN A 63 5.09 0.26 -0.08
CA ASN A 63 5.89 -0.07 1.11
C ASN A 63 5.89 1.07 2.11
N ASP A 64 4.89 1.93 2.06
CA ASP A 64 4.81 3.10 2.95
C ASP A 64 3.47 3.12 3.72
N LEU A 65 3.41 3.89 4.80
CA LEU A 65 2.17 4.12 5.53
C LEU A 65 1.03 4.57 4.60
N LEU A 66 1.34 5.43 3.64
CA LEU A 66 0.34 5.93 2.70
C LEU A 66 -0.39 4.82 1.93
N GLY A 67 0.31 3.74 1.62
CA GLY A 67 -0.30 2.56 1.06
C GLY A 67 -1.35 1.95 1.98
N ASP A 68 -1.01 1.82 3.26
CA ASP A 68 -1.92 1.32 4.30
C ASP A 68 -3.17 2.18 4.40
N LEU A 69 -2.97 3.50 4.31
CA LEU A 69 -4.00 4.49 4.49
C LEU A 69 -5.03 4.48 3.35
N PHE A 70 -4.53 4.56 2.09
CA PHE A 70 -5.31 4.66 0.86
C PHE A 70 -5.70 3.29 0.34
N GLY A 71 -5.06 2.23 0.82
CA GLY A 71 -5.36 0.86 0.37
C GLY A 71 -4.95 0.54 -1.07
N VAL A 72 -4.03 1.33 -1.64
CA VAL A 72 -3.53 1.14 -3.02
C VAL A 72 -1.99 1.06 -3.05
N PRO A 73 -1.43 0.25 -3.97
CA PRO A 73 0.07 0.16 -4.03
C PRO A 73 0.70 1.38 -4.73
N SER A 74 -0.08 2.03 -5.56
CA SER A 74 0.34 3.21 -6.32
C SER A 74 -0.90 3.96 -6.78
N PHE A 75 -0.72 5.19 -7.22
CA PHE A 75 -1.78 6.03 -7.78
C PHE A 75 -1.16 7.13 -8.64
N SER A 76 -1.99 7.77 -9.47
CA SER A 76 -1.61 8.86 -10.36
C SER A 76 -2.11 10.20 -9.85
N VAL A 77 -1.25 11.20 -9.79
CA VAL A 77 -1.65 12.55 -9.34
C VAL A 77 -2.64 13.19 -10.31
N LYS A 78 -2.65 12.72 -11.57
CA LYS A 78 -3.58 13.16 -12.61
C LYS A 78 -5.03 12.68 -12.40
N GLU A 79 -5.25 11.65 -11.58
CA GLU A 79 -6.58 11.13 -11.30
C GLU A 79 -7.17 11.77 -10.03
N HIS A 80 -7.64 13.02 -10.18
CA HIS A 80 -8.06 13.88 -9.04
C HIS A 80 -9.22 13.34 -8.25
N ARG A 81 -10.26 12.85 -8.96
CA ARG A 81 -11.45 12.26 -8.34
C ARG A 81 -11.08 11.05 -7.45
N LYS A 82 -10.19 10.18 -7.93
CA LYS A 82 -9.75 9.00 -7.13
C LYS A 82 -8.96 9.38 -5.86
N ILE A 83 -8.06 10.36 -5.94
CA ILE A 83 -7.35 10.91 -4.77
C ILE A 83 -8.33 11.42 -3.68
N TYR A 84 -9.35 12.16 -4.07
CA TYR A 84 -10.30 12.70 -3.11
C TYR A 84 -11.10 11.55 -2.50
N THR A 85 -11.50 10.57 -3.35
CA THR A 85 -12.24 9.42 -2.85
C THR A 85 -11.42 8.76 -1.73
N MET A 86 -10.13 8.54 -2.00
CA MET A 86 -9.22 7.92 -1.05
C MET A 86 -9.05 8.71 0.26
N ILE A 87 -8.99 10.04 0.14
CA ILE A 87 -8.91 10.93 1.29
C ILE A 87 -10.20 10.89 2.11
N TYR A 88 -11.35 10.97 1.43
CA TYR A 88 -12.66 10.98 2.05
C TYR A 88 -12.89 9.79 2.94
N ARG A 89 -12.40 8.61 2.57
CA ARG A 89 -12.55 7.40 3.39
C ARG A 89 -11.79 7.52 4.71
N ASN A 90 -10.85 8.50 4.81
CA ASN A 90 -10.01 8.68 5.99
C ASN A 90 -10.41 9.92 6.81
N LEU A 91 -11.59 10.45 6.48
CA LEU A 91 -12.22 11.56 7.22
C LEU A 91 -13.41 11.02 7.96
N VAL A 92 -13.71 11.60 9.13
CA VAL A 92 -14.92 11.23 9.85
C VAL A 92 -16.16 11.80 9.11
N GLU B 3 6.98 17.59 -16.51
CA GLU B 3 5.94 17.44 -15.44
C GLU B 3 6.60 17.09 -14.07
N THR B 4 6.61 18.02 -13.11
CA THR B 4 7.18 17.71 -11.78
C THR B 4 6.06 17.41 -10.78
N PHE B 5 6.37 16.62 -9.75
CA PHE B 5 5.37 16.28 -8.76
C PHE B 5 4.72 17.53 -8.13
N SER B 6 5.56 18.47 -7.70
CA SER B 6 5.13 19.72 -7.07
C SER B 6 4.21 20.53 -7.93
N ASP B 7 4.52 20.67 -9.19
CA ASP B 7 3.67 21.38 -10.10
C ASP B 7 2.38 20.69 -10.30
N LEU B 8 2.43 19.41 -10.50
CA LEU B 8 1.27 18.60 -10.78
C LEU B 8 0.32 18.43 -9.61
N TRP B 9 0.86 18.39 -8.41
CA TRP B 9 0.08 18.27 -7.20
C TRP B 9 -0.68 19.54 -6.92
N LYS B 10 -0.08 20.67 -7.23
CA LYS B 10 -0.72 21.97 -7.09
C LYS B 10 -1.94 22.17 -8.02
N LEU B 11 -2.15 21.24 -8.94
CA LEU B 11 -3.28 21.32 -9.85
C LEU B 11 -4.50 20.55 -9.39
N LEU B 12 -4.45 20.01 -8.18
CA LEU B 12 -5.52 19.15 -7.71
C LEU B 12 -6.82 19.89 -7.41
N PRO B 13 -6.75 20.88 -6.52
CA PRO B 13 -7.95 21.62 -6.14
C PRO B 13 -8.65 22.22 -7.35
N SER C 1 18.19 5.87 -11.52
CA SER C 1 17.39 5.30 -12.63
C SER C 1 16.69 6.43 -13.41
N GLN C 2 16.97 6.51 -14.70
CA GLN C 2 16.39 7.51 -15.59
C GLN C 2 15.16 6.89 -16.23
N ILE C 3 14.80 5.70 -15.79
CA ILE C 3 13.72 4.91 -16.38
C ILE C 3 12.58 4.74 -15.40
N PRO C 4 11.34 5.00 -15.85
CA PRO C 4 10.09 4.81 -15.06
C PRO C 4 10.03 3.41 -14.47
N ALA C 5 9.52 3.25 -13.25
CA ALA C 5 9.39 1.92 -12.64
C ALA C 5 8.47 1.03 -13.49
N SER C 6 7.43 1.62 -14.08
CA SER C 6 6.49 0.87 -14.91
C SER C 6 7.15 0.23 -16.15
N GLU C 7 8.15 0.91 -16.70
CA GLU C 7 8.90 0.35 -17.84
C GLU C 7 9.78 -0.88 -17.47
N GLN C 8 10.27 -0.96 -16.23
CA GLN C 8 11.19 -2.05 -15.84
C GLN C 8 10.50 -3.18 -15.03
N GLU C 9 9.19 -3.04 -14.76
CA GLU C 9 8.43 -4.02 -13.94
C GLU C 9 8.04 -5.31 -14.72
N THR C 10 8.11 -6.44 -14.04
CA THR C 10 7.71 -7.75 -14.53
C THR C 10 6.24 -7.93 -14.15
N LEU C 11 5.38 -8.28 -15.11
CA LEU C 11 3.98 -8.53 -14.79
C LEU C 11 3.73 -10.03 -14.61
N VAL C 12 2.95 -10.33 -13.59
CA VAL C 12 2.53 -11.70 -13.28
C VAL C 12 1.01 -11.80 -13.35
N ARG C 13 0.51 -13.02 -13.54
CA ARG C 13 -0.91 -13.33 -13.55
C ARG C 13 -1.20 -14.37 -12.49
N PRO C 14 -1.91 -13.98 -11.42
CA PRO C 14 -2.28 -14.95 -10.38
C PRO C 14 -3.26 -16.02 -10.89
N LYS C 15 -3.12 -17.25 -10.38
CA LYS C 15 -4.05 -18.36 -10.61
C LYS C 15 -5.38 -18.00 -9.93
N PRO C 16 -6.52 -18.68 -10.25
CA PRO C 16 -7.81 -18.18 -9.65
C PRO C 16 -7.90 -17.99 -8.09
N LEU C 17 -7.23 -18.83 -7.30
CA LEU C 17 -7.29 -18.71 -5.83
C LEU C 17 -6.51 -17.51 -5.29
N LEU C 18 -5.27 -17.32 -5.74
CA LEU C 18 -4.56 -16.13 -5.36
C LEU C 18 -5.37 -14.86 -5.76
N LEU C 19 -5.95 -14.90 -6.96
CA LEU C 19 -6.76 -13.79 -7.43
C LEU C 19 -7.99 -13.52 -6.51
N LYS C 20 -8.58 -14.57 -5.95
CA LYS C 20 -9.71 -14.47 -5.02
C LYS C 20 -9.28 -13.65 -3.77
N LEU C 21 -8.11 -14.00 -3.25
CA LEU C 21 -7.52 -13.40 -2.05
C LEU C 21 -7.21 -11.92 -2.29
N LEU C 22 -6.53 -11.60 -3.40
CA LEU C 22 -6.22 -10.22 -3.84
C LEU C 22 -7.47 -9.41 -4.04
N LYS C 23 -8.51 -10.00 -4.64
CA LYS C 23 -9.77 -9.27 -4.82
C LYS C 23 -10.48 -8.92 -3.49
N SER C 24 -10.34 -9.76 -2.49
CA SER C 24 -10.99 -9.56 -1.22
C SER C 24 -10.47 -8.32 -0.44
N VAL C 25 -9.31 -7.79 -0.86
CA VAL C 25 -8.71 -6.57 -0.29
C VAL C 25 -8.63 -5.43 -1.30
N GLY C 26 -9.47 -5.49 -2.33
CA GLY C 26 -9.56 -4.35 -3.25
C GLY C 26 -8.87 -4.40 -4.60
N ALA C 27 -8.08 -5.44 -4.86
CA ALA C 27 -7.42 -5.54 -6.18
C ALA C 27 -8.45 -5.62 -7.31
N GLN C 28 -8.19 -4.93 -8.41
CA GLN C 28 -9.17 -4.81 -9.49
C GLN C 28 -8.75 -5.36 -10.85
N LYS C 29 -7.43 -5.48 -11.05
CA LYS C 29 -6.89 -5.96 -12.34
C LYS C 29 -6.64 -7.47 -12.29
N ASP C 30 -6.20 -8.04 -13.40
CA ASP C 30 -5.93 -9.48 -13.43
C ASP C 30 -4.42 -9.76 -13.62
N THR C 31 -3.63 -8.68 -13.71
CA THR C 31 -2.19 -8.73 -13.92
C THR C 31 -1.54 -7.72 -12.96
N TYR C 32 -0.47 -8.14 -12.27
CA TYR C 32 0.19 -7.39 -11.19
C TYR C 32 1.70 -7.47 -11.30
N THR C 33 2.39 -6.50 -10.72
CA THR C 33 3.84 -6.63 -10.49
C THR C 33 3.99 -7.41 -9.16
N MET C 34 5.13 -8.03 -8.89
CA MET C 34 5.34 -8.70 -7.58
C MET C 34 5.21 -7.72 -6.41
N LYS C 35 5.62 -6.45 -6.60
CA LYS C 35 5.38 -5.41 -5.59
C LYS C 35 3.87 -5.25 -5.23
N GLU C 36 2.98 -5.19 -6.22
CA GLU C 36 1.52 -5.15 -5.99
C GLU C 36 0.96 -6.41 -5.29
N VAL C 37 1.39 -7.60 -5.73
CA VAL C 37 0.94 -8.85 -5.07
C VAL C 37 1.34 -8.85 -3.57
N LEU C 38 2.58 -8.52 -3.29
CA LEU C 38 3.05 -8.43 -1.91
C LEU C 38 2.26 -7.40 -1.06
N PHE C 39 2.01 -6.23 -1.65
CA PHE C 39 1.22 -5.19 -1.00
C PHE C 39 -0.15 -5.75 -0.57
N TYR C 40 -0.90 -6.31 -1.52
CA TYR C 40 -2.24 -6.78 -1.23
C TYR C 40 -2.23 -7.97 -0.29
N LEU C 41 -1.24 -8.84 -0.46
CA LEU C 41 -1.07 -9.97 0.46
C LEU C 41 -0.81 -9.44 1.87
N GLY C 42 -0.10 -8.33 1.98
CA GLY C 42 0.19 -7.74 3.26
C GLY C 42 -1.05 -7.13 3.90
N GLN C 43 -1.88 -6.51 3.07
CA GLN C 43 -3.16 -5.94 3.53
C GLN C 43 -4.09 -7.05 4.06
N TYR C 44 -4.08 -8.20 3.39
CA TYR C 44 -4.94 -9.32 3.71
C TYR C 44 -4.57 -9.90 5.06
N ILE C 45 -3.29 -10.15 5.29
CA ILE C 45 -2.78 -10.59 6.57
C ILE C 45 -3.12 -9.61 7.70
N MET C 46 -2.97 -8.27 7.48
CA MET C 46 -3.33 -7.24 8.50
C MET C 46 -4.84 -7.25 8.78
N THR C 47 -5.64 -7.09 7.74
CA THR C 47 -7.12 -7.09 7.80
C THR C 47 -7.71 -8.28 8.58
N LYS C 48 -7.25 -9.49 8.23
CA LYS C 48 -7.73 -10.71 8.85
C LYS C 48 -7.03 -11.03 10.15
N ARG C 49 -6.05 -10.23 10.54
CA ARG C 49 -5.23 -10.43 11.75
C ARG C 49 -4.60 -11.82 11.86
N LEU C 50 -3.98 -12.29 10.78
CA LEU C 50 -3.43 -13.64 10.72
C LEU C 50 -2.04 -13.72 11.38
N TYR C 51 -1.48 -12.57 11.78
CA TYR C 51 -0.17 -12.56 12.47
C TYR C 51 -0.44 -12.79 13.93
N ASP C 52 0.52 -13.36 14.65
CA ASP C 52 0.39 -13.56 16.10
C ASP C 52 0.64 -12.19 16.72
N ALA C 53 -0.29 -11.73 17.55
CA ALA C 53 -0.19 -10.37 18.15
C ALA C 53 1.00 -10.23 19.11
N ALA C 54 1.43 -11.38 19.66
CA ALA C 54 2.58 -11.48 20.58
C ALA C 54 3.91 -11.58 19.85
N GLN C 55 3.97 -12.41 18.82
CA GLN C 55 5.06 -12.35 17.87
C GLN C 55 4.44 -11.99 16.54
N GLN C 56 4.85 -10.87 15.96
CA GLN C 56 4.19 -10.39 14.76
C GLN C 56 4.88 -10.82 13.48
N HIS C 57 6.02 -11.50 13.60
CA HIS C 57 6.70 -12.01 12.42
C HIS C 57 6.17 -13.38 12.00
N ILE C 58 5.32 -13.97 12.83
CA ILE C 58 4.71 -15.27 12.49
C ILE C 58 3.28 -15.08 11.98
N VAL C 59 3.00 -15.64 10.80
CA VAL C 59 1.65 -15.65 10.21
C VAL C 59 1.08 -17.06 10.34
N TYR C 60 -0.08 -17.14 10.96
CA TYR C 60 -0.80 -18.39 11.17
C TYR C 60 -1.97 -18.46 10.19
N CYS C 61 -1.84 -19.33 9.20
CA CYS C 61 -2.81 -19.42 8.10
C CYS C 61 -3.41 -20.83 7.95
N SER C 62 -3.20 -21.69 8.95
CA SER C 62 -3.67 -23.07 8.97
C SER C 62 -5.17 -23.26 8.66
N ASN C 63 -6.03 -22.34 9.13
CA ASN C 63 -7.50 -22.35 8.87
C ASN C 63 -7.99 -21.29 7.92
N ASP C 64 -7.10 -20.83 7.05
CA ASP C 64 -7.39 -19.71 6.17
C ASP C 64 -7.06 -20.10 4.72
N LEU C 65 -7.66 -19.38 3.76
CA LEU C 65 -7.35 -19.51 2.35
C LEU C 65 -5.82 -19.45 2.09
N LEU C 66 -5.13 -18.56 2.79
CA LEU C 66 -3.68 -18.40 2.63
C LEU C 66 -2.87 -19.70 2.87
N GLY C 67 -3.32 -20.53 3.82
CA GLY C 67 -2.72 -21.82 4.04
C GLY C 67 -2.89 -22.73 2.85
N ASP C 68 -4.05 -22.70 2.20
CA ASP C 68 -4.34 -23.50 0.99
C ASP C 68 -3.42 -23.11 -0.17
N LEU C 69 -3.18 -21.80 -0.32
CA LEU C 69 -2.37 -21.27 -1.39
C LEU C 69 -0.91 -21.56 -1.17
N PHE C 70 -0.44 -21.31 0.06
CA PHE C 70 0.98 -21.49 0.39
C PHE C 70 1.36 -22.93 0.76
N GLY C 71 0.40 -23.77 1.08
CA GLY C 71 0.71 -25.12 1.51
C GLY C 71 1.42 -25.22 2.87
N VAL C 72 1.31 -24.20 3.72
CA VAL C 72 1.97 -24.23 5.05
C VAL C 72 0.96 -23.79 6.11
N PRO C 73 1.02 -24.36 7.35
CA PRO C 73 0.08 -23.94 8.41
C PRO C 73 0.49 -22.59 9.03
N SER C 74 1.78 -22.26 8.91
CA SER C 74 2.33 -20.99 9.39
C SER C 74 3.63 -20.69 8.67
N PHE C 75 4.03 -19.43 8.71
CA PHE C 75 5.31 -19.00 8.13
C PHE C 75 5.80 -17.76 8.82
N SER C 76 7.08 -17.48 8.61
CA SER C 76 7.74 -16.32 9.18
C SER C 76 7.99 -15.26 8.14
N VAL C 77 7.65 -14.01 8.47
CA VAL C 77 7.86 -12.89 7.55
C VAL C 77 9.37 -12.64 7.29
N LYS C 78 10.23 -13.03 8.22
CA LYS C 78 11.68 -12.91 8.04
C LYS C 78 12.21 -13.74 6.87
N GLU C 79 11.59 -14.89 6.58
CA GLU C 79 12.07 -15.76 5.50
C GLU C 79 11.60 -15.33 4.11
N HIS C 80 12.27 -14.33 3.55
CA HIS C 80 11.85 -13.71 2.26
C HIS C 80 11.84 -14.61 1.04
N ARG C 81 12.91 -15.39 0.85
CA ARG C 81 13.00 -16.34 -0.25
C ARG C 81 11.86 -17.36 -0.23
N LYS C 82 11.50 -17.89 0.93
CA LYS C 82 10.39 -18.85 1.03
C LYS C 82 9.01 -18.28 0.65
N ILE C 83 8.71 -17.07 1.12
CA ILE C 83 7.49 -16.33 0.71
C ILE C 83 7.39 -16.19 -0.83
N TYR C 84 8.49 -15.82 -1.51
CA TYR C 84 8.47 -15.69 -2.96
C TYR C 84 8.23 -17.05 -3.67
N THR C 85 8.94 -18.08 -3.20
CA THR C 85 8.73 -19.43 -3.69
C THR C 85 7.24 -19.78 -3.61
N MET C 86 6.65 -19.57 -2.41
CA MET C 86 5.25 -19.86 -2.16
C MET C 86 4.29 -19.08 -3.06
N ILE C 87 4.62 -17.81 -3.37
CA ILE C 87 3.82 -17.00 -4.29
C ILE C 87 3.96 -17.49 -5.71
N TYR C 88 5.20 -17.77 -6.15
CA TYR C 88 5.46 -18.23 -7.52
C TYR C 88 4.56 -19.43 -7.92
N ARG C 89 4.30 -20.35 -6.97
CA ARG C 89 3.43 -21.50 -7.23
C ARG C 89 1.99 -21.10 -7.61
N ASN C 90 1.61 -19.88 -7.25
CA ASN C 90 0.26 -19.36 -7.45
C ASN C 90 0.14 -18.41 -8.66
N LEU C 91 1.24 -18.35 -9.43
CA LEU C 91 1.34 -17.54 -10.66
C LEU C 91 1.28 -18.47 -11.84
N VAL C 92 0.65 -18.03 -12.93
CA VAL C 92 0.47 -18.86 -14.14
C VAL C 92 1.79 -19.05 -14.90
N GLU D 3 8.37 -5.17 17.87
CA GLU D 3 8.51 -5.73 16.50
C GLU D 3 7.10 -5.93 15.92
N THR D 4 6.75 -5.15 14.89
CA THR D 4 5.37 -5.11 14.38
C THR D 4 5.25 -5.71 12.99
N PHE D 5 4.08 -6.28 12.71
CA PHE D 5 3.83 -6.90 11.42
C PHE D 5 4.02 -5.89 10.25
N SER D 6 3.37 -4.72 10.41
CA SER D 6 3.47 -3.61 9.48
C SER D 6 4.92 -3.23 9.14
N ASP D 7 5.78 -3.13 10.13
CA ASP D 7 7.11 -2.66 9.86
C ASP D 7 7.85 -3.76 9.22
N LEU D 8 7.60 -4.96 9.67
CA LEU D 8 8.28 -6.13 9.17
C LEU D 8 7.99 -6.44 7.73
N TRP D 9 6.74 -6.31 7.35
CA TRP D 9 6.30 -6.66 6.04
C TRP D 9 6.79 -5.68 5.04
N LYS D 10 6.85 -4.42 5.44
CA LYS D 10 7.40 -3.37 4.57
C LYS D 10 8.89 -3.59 4.22
N LEU D 11 9.52 -4.52 4.94
CA LEU D 11 10.92 -4.82 4.75
C LEU D 11 11.21 -5.83 3.67
N LEU D 12 10.18 -6.47 3.10
CA LEU D 12 10.46 -7.45 2.03
C LEU D 12 11.05 -6.74 0.82
N PRO D 13 12.18 -7.26 0.30
CA PRO D 13 12.90 -6.61 -0.79
C PRO D 13 12.00 -6.55 -2.02
#